data_8RUH
#
_entry.id   8RUH
#
_cell.length_a   90.204
_cell.length_b   96.484
_cell.length_c   231.693
_cell.angle_alpha   90.00
_cell.angle_beta   90.00
_cell.angle_gamma   90.00
#
_symmetry.space_group_name_H-M   'P 21 21 21'
#
loop_
_entity.id
_entity.type
_entity.pdbx_description
1 polymer 'Domains 1-5'
2 polymer "5'-exon"
3 non-polymer 'MAGNESIUM ION'
4 non-polymer 'POTASSIUM ION'
5 non-polymer '4-(2-HYDROXYETHYL)-1-PIPERAZINE ETHANESULFONIC ACID'
6 water water
#
loop_
_entity_poly.entity_id
_entity_poly.type
_entity_poly.pdbx_seq_one_letter_code
_entity_poly.pdbx_strand_id
1 'polyribonucleotide'
;GUGUGCCCGGCAUGGGUGCAGUCUAUAGGGUGAGAGUCCCGAACUGUGAAGGCAGAAGUAACAGUUAGCCUAACGCAAGG
GUGUCCGUGGCGACAUGGAAUCUGAAGGAAGCGGACGGCAAACCUUCGGUCUGAGGAACACGAACUUCAUAUGAGGCUAG
GUAUCAAUGGAUGAGUUUGCAUAACAAAACAAAGUCCUUUCUGCCAAAGUUGGUACAGAGUAAAUGAAGCAGAUUGAUGA
AGGGAAAGACUGCAUUCUUACCCGGGGAGGUCUGGAAACAGAAGUCAGCAGAAGUCAUAGUACCCUGUUCGCAGGGGAAG
GACGGAACAAGUAUGGCGUUCGCGCCUAAGCUUGAACCGCCGUAUACCGAACGGUACGUACGGUGGUGUGG
;
A
2 'polyribonucleotide' AUUUAU B
#